data_3HZL
#
_entry.id   3HZL
#
_cell.length_a   88.390
_cell.length_b   90.530
_cell.length_c   85.970
_cell.angle_alpha   90.00
_cell.angle_beta   118.36
_cell.angle_gamma   90.00
#
_symmetry.space_group_name_H-M   'C 1 2 1'
#
loop_
_entity.id
_entity.type
_entity.pdbx_description
1 polymer 'NikD protein'
2 non-polymer 'FLAVIN-ADENINE DINUCLEOTIDE'
3 non-polymer 'PYRIDINE-2-CARBOXYLIC ACID'
4 non-polymer (4S)-2-METHYL-2,4-PENTANEDIOL
5 water water
#
_entity_poly.entity_id   1
_entity_poly.type   'polypeptide(L)'
_entity_poly.pdbx_seq_one_letter_code
;MTESYDVVVVGGGPVGLATAWQVAERGHRVLVLERHTFFNENGGTSGAERHWRLQYTQEDLFRLTLETLPLWRALESRCE
RRLIHEIGSLWFGDTDVVTNEGQISGTAAMMDKLSVRYEWLKATDIERRFGFRGLPRDYEGFLQPDGGTIDVRGTLAALF
TLAQAAGATLRAGETVTELVPDADGVSVTTDRGTYRAGKVVLACGPYTNDLLEPLGARLAYSVYEMAIAAYRQATPVTEA
PFWFAFQQPTPQDTNLFFGFGHNPWAPGEFVRCGPDFEVDPLDHPSAATGVADRRQMDRLSGWLRDHLPTVDPDPVRTST
CLAVLPTDPERQFFLGTARDLMTHGEKLVVYGAGWAFKFVPLFGRICADLAVEDSTAYDISRLAPQSALLEHHHHHH
;
_entity_poly.pdbx_strand_id   A
#
loop_
_chem_comp.id
_chem_comp.type
_chem_comp.name
_chem_comp.formula
6PC non-polymer 'PYRIDINE-2-CARBOXYLIC ACID' 'C6 H5 N O2'
FAD non-polymer 'FLAVIN-ADENINE DINUCLEOTIDE' 'C27 H33 N9 O15 P2'
MPD non-polymer (4S)-2-METHYL-2,4-PENTANEDIOL 'C6 H14 O2'
#
# COMPACT_ATOMS: atom_id res chain seq x y z
N THR A 2 -2.22 16.46 -30.42
CA THR A 2 -1.40 15.47 -29.65
C THR A 2 -0.16 16.06 -29.00
N GLU A 3 -0.15 16.12 -27.67
CA GLU A 3 0.99 16.66 -26.92
C GLU A 3 2.04 15.58 -26.71
N SER A 4 3.30 15.98 -26.69
CA SER A 4 4.41 15.05 -26.55
C SER A 4 5.18 15.22 -25.22
N TYR A 5 5.44 14.10 -24.55
CA TYR A 5 6.17 14.08 -23.30
C TYR A 5 7.22 12.97 -23.27
N ASP A 6 8.24 13.13 -22.44
CA ASP A 6 9.20 12.06 -22.27
C ASP A 6 8.50 10.88 -21.56
N VAL A 7 7.74 11.20 -20.50
CA VAL A 7 7.05 10.15 -19.74
C VAL A 7 5.59 10.55 -19.45
N VAL A 8 4.69 9.61 -19.64
CA VAL A 8 3.29 9.82 -19.29
C VAL A 8 3.04 8.80 -18.18
N VAL A 9 2.53 9.28 -17.02
CA VAL A 9 2.23 8.43 -15.88
C VAL A 9 0.72 8.28 -15.83
N VAL A 10 0.29 7.03 -15.82
CA VAL A 10 -1.13 6.69 -15.77
C VAL A 10 -1.48 6.45 -14.28
N GLY A 11 -2.14 7.42 -13.66
CA GLY A 11 -2.51 7.28 -12.23
C GLY A 11 -1.86 8.39 -11.41
N GLY A 12 -2.66 9.08 -10.57
CA GLY A 12 -2.16 10.18 -9.77
C GLY A 12 -2.25 9.84 -8.26
N GLY A 13 -2.09 8.57 -7.93
CA GLY A 13 -2.03 8.11 -6.55
C GLY A 13 -0.63 8.39 -6.05
N PRO A 14 -0.24 7.90 -4.89
CA PRO A 14 1.09 8.17 -4.38
C PRO A 14 2.24 7.65 -5.25
N VAL A 15 2.10 6.47 -5.84
CA VAL A 15 3.16 5.94 -6.68
C VAL A 15 3.31 6.77 -7.93
N GLY A 16 2.20 7.15 -8.55
CA GLY A 16 2.26 7.99 -9.74
C GLY A 16 2.85 9.35 -9.46
N LEU A 17 2.44 9.98 -8.37
CA LEU A 17 2.97 11.30 -8.06
C LEU A 17 4.45 11.24 -7.71
N ALA A 18 4.87 10.21 -6.99
CA ALA A 18 6.29 10.08 -6.61
C ALA A 18 7.14 9.86 -7.88
N THR A 19 6.62 9.08 -8.81
CA THR A 19 7.34 8.83 -10.07
C THR A 19 7.44 10.15 -10.81
N ALA A 20 6.34 10.88 -10.92
CA ALA A 20 6.38 12.15 -11.68
C ALA A 20 7.33 13.17 -11.07
N TRP A 21 7.34 13.26 -9.74
CA TRP A 21 8.25 14.15 -9.07
C TRP A 21 9.68 13.78 -9.44
N GLN A 22 10.02 12.50 -9.37
CA GLN A 22 11.39 12.05 -9.67
C GLN A 22 11.74 12.28 -11.13
N VAL A 23 10.81 12.00 -12.04
CA VAL A 23 11.12 12.22 -13.46
C VAL A 23 11.32 13.71 -13.72
N ALA A 24 10.41 14.55 -13.23
CA ALA A 24 10.55 15.98 -13.49
C ALA A 24 11.82 16.57 -12.86
N GLU A 25 12.16 16.18 -11.64
CA GLU A 25 13.35 16.71 -10.98
C GLU A 25 14.59 16.34 -11.74
N ARG A 26 14.55 15.22 -12.46
CA ARG A 26 15.70 14.81 -13.27
C ARG A 26 15.79 15.56 -14.58
N GLY A 27 14.83 16.47 -14.81
CA GLY A 27 14.82 17.26 -16.03
C GLY A 27 14.14 16.70 -17.26
N HIS A 28 13.18 15.78 -17.11
CA HIS A 28 12.46 15.24 -18.27
C HIS A 28 11.03 15.74 -18.22
N ARG A 29 10.36 15.76 -19.37
CA ARG A 29 8.99 16.24 -19.50
C ARG A 29 8.03 15.11 -19.08
N VAL A 30 7.22 15.35 -18.05
CA VAL A 30 6.29 14.31 -17.58
C VAL A 30 4.89 14.83 -17.40
N LEU A 31 3.93 14.01 -17.79
CA LEU A 31 2.50 14.29 -17.65
C LEU A 31 1.92 13.17 -16.77
N VAL A 32 1.08 13.54 -15.79
CA VAL A 32 0.37 12.57 -14.94
C VAL A 32 -1.10 12.73 -15.31
N LEU A 33 -1.75 11.61 -15.66
CA LEU A 33 -3.20 11.59 -15.99
C LEU A 33 -3.89 10.78 -14.88
N GLU A 34 -4.84 11.42 -14.20
CA GLU A 34 -5.61 10.84 -13.08
C GLU A 34 -7.09 10.88 -13.44
N ARG A 35 -7.72 9.70 -13.46
CA ARG A 35 -9.14 9.59 -13.85
C ARG A 35 -10.14 10.35 -12.98
N HIS A 36 -9.88 10.39 -11.68
CA HIS A 36 -10.75 11.08 -10.74
C HIS A 36 -10.04 12.33 -10.27
N THR A 37 -9.98 12.58 -8.97
CA THR A 37 -9.31 13.75 -8.49
C THR A 37 -8.05 13.33 -7.80
N PHE A 38 -7.12 14.26 -7.72
CA PHE A 38 -5.93 13.98 -6.97
C PHE A 38 -6.45 13.93 -5.52
N PHE A 39 -5.77 13.17 -4.67
CA PHE A 39 -6.17 12.98 -3.24
C PHE A 39 -7.47 12.20 -3.08
N ASN A 40 -7.94 11.52 -4.11
CA ASN A 40 -9.19 10.74 -3.96
C ASN A 40 -8.95 9.51 -3.08
N GLU A 41 -10.02 8.99 -2.50
CA GLU A 41 -9.85 7.84 -1.62
C GLU A 41 -10.58 6.63 -2.16
N ASN A 42 -10.68 6.56 -3.49
CA ASN A 42 -11.38 5.47 -4.13
C ASN A 42 -10.55 4.34 -4.72
N GLY A 43 -9.24 4.42 -4.49
CA GLY A 43 -8.36 3.37 -4.95
C GLY A 43 -7.76 2.65 -3.76
N GLY A 44 -6.45 2.54 -3.71
CA GLY A 44 -5.84 1.85 -2.61
C GLY A 44 -5.34 2.82 -1.54
N THR A 45 -5.53 4.12 -1.75
CA THR A 45 -5.02 5.13 -0.82
C THR A 45 -6.19 5.81 -0.17
N SER A 46 -6.39 5.52 1.11
CA SER A 46 -7.55 6.11 1.81
C SER A 46 -7.19 6.36 3.24
N GLY A 47 -8.02 7.15 3.91
CA GLY A 47 -7.75 7.38 5.31
C GLY A 47 -6.55 8.27 5.55
N ALA A 48 -6.11 8.26 6.78
CA ALA A 48 -5.04 9.12 7.20
C ALA A 48 -3.74 8.47 7.42
N GLU A 49 -3.77 7.15 7.52
CA GLU A 49 -2.57 6.43 7.96
C GLU A 49 -2.25 5.11 7.29
N ARG A 50 -0.96 4.72 7.33
CA ARG A 50 -0.53 3.43 6.79
C ARG A 50 0.58 2.96 7.70
N HIS A 51 0.66 1.64 7.89
CA HIS A 51 1.68 1.09 8.75
C HIS A 51 2.98 0.68 8.10
N TRP A 52 4.06 0.86 8.83
CA TRP A 52 5.35 0.41 8.36
C TRP A 52 6.06 -0.40 9.45
N ARG A 53 5.88 -1.70 9.39
CA ARG A 53 6.54 -2.56 10.37
C ARG A 53 7.96 -2.90 9.92
N LEU A 54 8.79 -3.25 10.89
CA LEU A 54 10.14 -3.65 10.59
C LEU A 54 10.24 -5.19 10.53
N GLN A 55 9.37 -5.87 11.25
CA GLN A 55 9.38 -7.34 11.27
C GLN A 55 8.77 -8.06 10.07
N TYR A 56 9.56 -8.93 9.43
CA TYR A 56 9.10 -9.71 8.27
C TYR A 56 9.76 -11.07 8.27
N THR A 57 9.11 -12.04 7.64
CA THR A 57 9.74 -13.36 7.51
C THR A 57 10.34 -13.41 6.11
N GLN A 58 9.97 -12.42 5.28
CA GLN A 58 10.46 -12.30 3.92
C GLN A 58 11.68 -11.37 3.89
N GLU A 59 12.85 -11.95 3.73
CA GLU A 59 14.12 -11.20 3.70
C GLU A 59 14.08 -9.98 2.77
N ASP A 60 13.41 -10.10 1.64
CA ASP A 60 13.34 -9.02 0.68
C ASP A 60 12.61 -7.77 1.22
N LEU A 61 11.62 -7.97 2.07
CA LEU A 61 10.86 -6.84 2.63
C LEU A 61 11.70 -6.07 3.65
N PHE A 62 12.58 -6.77 4.34
CA PHE A 62 13.45 -6.15 5.33
C PHE A 62 14.45 -5.28 4.55
N ARG A 63 14.97 -5.82 3.45
CA ARG A 63 15.92 -5.10 2.60
C ARG A 63 15.26 -3.87 1.98
N LEU A 64 14.05 -4.01 1.45
CA LEU A 64 13.37 -2.85 0.86
C LEU A 64 13.13 -1.79 1.95
N THR A 65 12.77 -2.23 3.15
CA THR A 65 12.55 -1.31 4.25
C THR A 65 13.83 -0.47 4.54
N LEU A 66 14.99 -1.13 4.64
CA LEU A 66 16.21 -0.40 4.90
C LEU A 66 16.58 0.57 3.78
N GLU A 67 16.32 0.18 2.53
CA GLU A 67 16.64 1.04 1.37
C GLU A 67 15.70 2.23 1.21
N THR A 68 14.46 2.09 1.70
CA THR A 68 13.48 3.16 1.57
C THR A 68 13.63 4.22 2.63
N LEU A 69 14.02 3.85 3.84
CA LEU A 69 14.13 4.85 4.91
C LEU A 69 14.86 6.15 4.53
N PRO A 70 16.07 6.07 3.95
CA PRO A 70 16.74 7.33 3.58
C PRO A 70 15.93 8.17 2.57
N LEU A 71 15.14 7.51 1.73
CA LEU A 71 14.32 8.22 0.76
C LEU A 71 13.15 8.92 1.48
N TRP A 72 12.61 8.31 2.54
CA TRP A 72 11.57 9.00 3.30
C TRP A 72 12.22 10.22 3.96
N ARG A 73 13.41 10.06 4.54
CA ARG A 73 14.03 11.21 5.19
C ARG A 73 14.25 12.36 4.24
N ALA A 74 14.64 12.07 3.01
CA ALA A 74 14.87 13.13 2.04
C ALA A 74 13.56 13.84 1.72
N LEU A 75 12.50 13.05 1.54
CA LEU A 75 11.19 13.62 1.26
C LEU A 75 10.74 14.51 2.42
N GLU A 76 10.89 14.02 3.63
CA GLU A 76 10.48 14.79 4.82
C GLU A 76 11.22 16.12 4.86
N SER A 77 12.53 16.08 4.58
CA SER A 77 13.35 17.29 4.57
C SER A 77 12.82 18.27 3.49
N ARG A 78 12.66 17.77 2.26
CA ARG A 78 12.17 18.65 1.16
C ARG A 78 10.82 19.32 1.39
N CYS A 79 9.89 18.61 2.02
CA CYS A 79 8.57 19.18 2.24
C CYS A 79 8.39 19.76 3.64
N GLU A 80 9.46 19.76 4.45
CA GLU A 80 9.36 20.28 5.81
C GLU A 80 8.22 19.69 6.62
N ARG A 81 8.17 18.35 6.63
CA ARG A 81 7.17 17.65 7.40
C ARG A 81 7.64 16.27 7.77
N ARG A 82 7.55 15.95 9.04
CA ARG A 82 7.86 14.60 9.51
C ARG A 82 6.66 13.78 9.03
N LEU A 83 6.92 12.69 8.29
CA LEU A 83 5.85 11.86 7.75
C LEU A 83 5.78 10.48 8.38
N ILE A 84 6.90 10.00 8.93
CA ILE A 84 6.92 8.67 9.57
C ILE A 84 7.02 8.90 11.08
N HIS A 85 6.15 8.21 11.82
CA HIS A 85 6.07 8.33 13.28
C HIS A 85 6.21 6.96 13.94
N GLU A 86 7.26 6.75 14.76
CA GLU A 86 7.45 5.48 15.43
C GLU A 86 6.46 5.41 16.58
N ILE A 87 5.41 4.61 16.42
CA ILE A 87 4.40 4.43 17.43
C ILE A 87 4.42 2.99 17.93
N GLY A 88 5.13 2.12 17.21
CA GLY A 88 5.19 0.72 17.59
C GLY A 88 4.27 -0.19 16.80
N SER A 89 4.65 -1.47 16.73
CA SER A 89 3.90 -2.51 16.02
C SER A 89 3.68 -3.65 17.04
N LEU A 90 2.44 -3.82 17.45
CA LEU A 90 2.08 -4.82 18.45
C LEU A 90 1.38 -6.02 17.84
N TRP A 91 1.98 -7.21 17.92
CA TRP A 91 1.33 -8.41 17.40
C TRP A 91 1.06 -9.31 18.61
N PHE A 92 -0.18 -9.67 18.82
CA PHE A 92 -0.53 -10.51 20.00
C PHE A 92 -1.72 -11.42 19.79
N GLY A 93 -1.87 -12.41 20.70
CA GLY A 93 -2.98 -13.33 20.61
C GLY A 93 -2.45 -14.74 20.73
N ASP A 94 -2.94 -15.63 19.87
CA ASP A 94 -2.51 -17.01 19.83
C ASP A 94 -1.22 -16.95 18.99
N THR A 95 -0.09 -17.23 19.61
CA THR A 95 1.18 -17.11 18.89
C THR A 95 1.56 -18.15 17.86
N ASP A 96 0.72 -19.18 17.68
CA ASP A 96 1.02 -20.18 16.67
C ASP A 96 0.05 -20.24 15.52
N VAL A 97 -1.11 -19.56 15.64
CA VAL A 97 -2.05 -19.60 14.53
C VAL A 97 -1.39 -18.97 13.30
N VAL A 98 -1.62 -19.57 12.15
CA VAL A 98 -1.08 -19.11 10.89
C VAL A 98 -2.14 -18.35 10.11
N THR A 99 -1.83 -17.11 9.76
CA THR A 99 -2.80 -16.25 9.09
C THR A 99 -2.15 -15.59 7.89
N ASN A 100 -2.93 -14.86 7.09
CA ASN A 100 -2.37 -14.14 5.93
C ASN A 100 -1.36 -13.07 6.37
N GLU A 101 -1.37 -12.72 7.66
CA GLU A 101 -0.46 -11.72 8.21
C GLU A 101 0.78 -12.45 8.67
N GLY A 102 0.67 -13.76 8.75
CA GLY A 102 1.81 -14.53 9.22
C GLY A 102 1.51 -15.23 10.54
N GLN A 103 2.56 -15.45 11.32
CA GLN A 103 2.45 -16.15 12.60
C GLN A 103 3.37 -15.46 13.59
N ILE A 104 2.90 -15.24 14.82
CA ILE A 104 3.69 -14.53 15.79
C ILE A 104 5.02 -15.20 16.09
N SER A 105 4.96 -16.44 16.55
CA SER A 105 6.21 -17.15 16.90
C SER A 105 7.22 -17.21 15.76
N GLY A 106 6.77 -17.60 14.57
CA GLY A 106 7.64 -17.67 13.42
C GLY A 106 8.26 -16.31 13.15
N THR A 107 7.46 -15.26 13.20
CA THR A 107 8.01 -13.93 12.95
C THR A 107 9.01 -13.51 14.04
N ALA A 108 8.73 -13.88 15.28
CA ALA A 108 9.62 -13.53 16.37
C ALA A 108 10.94 -14.29 16.21
N ALA A 109 10.91 -15.46 15.56
CA ALA A 109 12.14 -16.21 15.38
C ALA A 109 12.95 -15.49 14.30
N MET A 110 12.25 -14.96 13.30
CA MET A 110 12.93 -14.25 12.23
C MET A 110 13.56 -12.95 12.76
N MET A 111 12.93 -12.34 13.76
CA MET A 111 13.48 -11.11 14.35
C MET A 111 14.73 -11.50 15.14
N ASP A 112 14.64 -12.61 15.86
CA ASP A 112 15.79 -13.09 16.64
C ASP A 112 16.98 -13.22 15.67
N LYS A 113 16.72 -13.84 14.52
CA LYS A 113 17.74 -14.07 13.51
C LYS A 113 18.32 -12.82 12.84
N LEU A 114 17.47 -11.84 12.54
CA LEU A 114 17.94 -10.61 11.89
C LEU A 114 18.36 -9.54 12.88
N SER A 115 18.29 -9.86 14.17
CA SER A 115 18.67 -8.94 15.25
C SER A 115 17.74 -7.74 15.35
N VAL A 116 16.46 -7.99 15.21
CA VAL A 116 15.45 -6.95 15.31
C VAL A 116 14.92 -6.98 16.73
N ARG A 117 15.01 -5.85 17.41
CA ARG A 117 14.56 -5.77 18.79
C ARG A 117 13.05 -5.82 18.96
N TYR A 118 12.63 -6.38 20.10
CA TYR A 118 11.22 -6.46 20.43
C TYR A 118 11.08 -6.80 21.89
N GLU A 119 9.91 -6.54 22.44
CA GLU A 119 9.63 -6.86 23.83
C GLU A 119 8.51 -7.88 23.84
N TRP A 120 8.69 -8.98 24.57
CA TRP A 120 7.65 -10.00 24.63
C TRP A 120 6.72 -9.62 25.77
N LEU A 121 5.42 -9.72 25.51
CA LEU A 121 4.44 -9.32 26.49
C LEU A 121 3.40 -10.40 26.78
N LYS A 122 2.83 -10.34 27.99
CA LYS A 122 1.79 -11.28 28.43
C LYS A 122 0.48 -10.52 28.41
N ALA A 123 -0.63 -11.25 28.41
CA ALA A 123 -1.94 -10.63 28.38
C ALA A 123 -2.11 -9.51 29.40
N THR A 124 -1.57 -9.70 30.60
CA THR A 124 -1.75 -8.67 31.61
C THR A 124 -0.99 -7.38 31.27
N ASP A 125 0.16 -7.52 30.63
CA ASP A 125 0.97 -6.36 30.22
C ASP A 125 0.26 -5.61 29.10
N ILE A 126 -0.34 -6.38 28.18
CA ILE A 126 -1.04 -5.81 27.03
C ILE A 126 -2.25 -5.00 27.47
N GLU A 127 -2.99 -5.51 28.46
CA GLU A 127 -4.17 -4.81 28.95
C GLU A 127 -3.78 -3.57 29.73
N ARG A 128 -2.74 -3.69 30.54
CA ARG A 128 -2.29 -2.56 31.35
C ARG A 128 -1.79 -1.39 30.51
N ARG A 129 -0.85 -1.69 29.64
CA ARG A 129 -0.21 -0.68 28.78
C ARG A 129 -0.99 -0.10 27.62
N PHE A 130 -1.82 -0.91 26.97
CA PHE A 130 -2.54 -0.42 25.81
C PHE A 130 -4.04 -0.29 25.95
N GLY A 131 -4.56 -0.65 27.12
CA GLY A 131 -5.99 -0.50 27.35
C GLY A 131 -6.93 -1.61 26.93
N PHE A 132 -6.36 -2.71 26.44
CA PHE A 132 -7.19 -3.84 26.07
C PHE A 132 -7.76 -4.44 27.36
N ARG A 133 -8.92 -5.06 27.23
CA ARG A 133 -9.61 -5.66 28.39
C ARG A 133 -10.09 -7.04 28.00
N GLY A 134 -10.28 -7.90 29.02
CA GLY A 134 -10.81 -9.23 28.80
C GLY A 134 -10.13 -10.20 27.86
N LEU A 135 -8.83 -10.10 27.73
CA LEU A 135 -8.09 -10.98 26.85
C LEU A 135 -7.88 -12.33 27.54
N PRO A 136 -7.90 -13.42 26.76
CA PRO A 136 -7.67 -14.74 27.38
C PRO A 136 -6.30 -14.63 28.04
N ARG A 137 -6.12 -15.21 29.22
CA ARG A 137 -4.81 -15.05 29.85
C ARG A 137 -3.63 -15.74 29.19
N ASP A 138 -3.86 -16.62 28.22
CA ASP A 138 -2.71 -17.22 27.54
C ASP A 138 -2.29 -16.44 26.30
N TYR A 139 -2.96 -15.32 26.03
CA TYR A 139 -2.57 -14.51 24.87
C TYR A 139 -1.25 -13.86 25.20
N GLU A 140 -0.34 -13.84 24.23
CA GLU A 140 0.98 -13.23 24.38
C GLU A 140 1.29 -12.61 23.01
N GLY A 141 2.42 -11.92 22.93
CA GLY A 141 2.80 -11.32 21.67
C GLY A 141 4.01 -10.46 21.91
N PHE A 142 4.34 -9.62 20.93
CA PHE A 142 5.49 -8.75 21.06
C PHE A 142 5.16 -7.32 20.62
N LEU A 143 6.02 -6.40 21.04
CA LEU A 143 5.92 -5.00 20.65
C LEU A 143 7.25 -4.72 19.99
N GLN A 144 7.24 -4.37 18.71
CA GLN A 144 8.45 -4.02 17.99
C GLN A 144 8.33 -2.48 18.06
N PRO A 145 9.14 -1.84 18.90
CA PRO A 145 9.12 -0.39 19.09
C PRO A 145 9.42 0.53 17.91
N ASP A 146 10.09 0.01 16.89
CA ASP A 146 10.44 0.81 15.71
C ASP A 146 9.33 0.88 14.66
N GLY A 147 8.25 0.15 14.89
CA GLY A 147 7.12 0.15 13.97
C GLY A 147 6.64 1.58 13.78
N GLY A 148 6.29 1.93 12.56
CA GLY A 148 5.86 3.30 12.36
C GLY A 148 4.51 3.45 11.70
N THR A 149 3.97 4.65 11.81
CA THR A 149 2.71 4.95 11.11
C THR A 149 3.10 6.11 10.19
N ILE A 150 2.45 6.13 9.03
CA ILE A 150 2.77 7.11 7.99
C ILE A 150 1.63 8.02 7.69
N ASP A 151 1.96 9.31 7.68
CA ASP A 151 1.00 10.39 7.39
C ASP A 151 0.66 10.37 5.88
N VAL A 152 -0.45 9.72 5.53
CA VAL A 152 -0.85 9.54 4.13
C VAL A 152 -1.16 10.87 3.44
N ARG A 153 -2.01 11.69 4.06
CA ARG A 153 -2.37 12.98 3.46
C ARG A 153 -1.21 13.91 3.36
N GLY A 154 -0.32 13.90 4.35
CA GLY A 154 0.88 14.72 4.28
C GLY A 154 1.82 14.28 3.17
N THR A 155 1.93 12.97 3.00
CA THR A 155 2.74 12.43 1.94
C THR A 155 2.19 12.81 0.56
N LEU A 156 0.89 12.66 0.36
CA LEU A 156 0.30 13.04 -0.95
C LEU A 156 0.48 14.54 -1.24
N ALA A 157 0.23 15.37 -0.27
CA ALA A 157 0.40 16.81 -0.46
C ALA A 157 1.81 17.13 -0.87
N ALA A 158 2.78 16.52 -0.17
CA ALA A 158 4.18 16.75 -0.46
C ALA A 158 4.53 16.35 -1.88
N LEU A 159 4.15 15.12 -2.23
CA LEU A 159 4.46 14.62 -3.59
C LEU A 159 3.77 15.46 -4.65
N PHE A 160 2.51 15.83 -4.46
CA PHE A 160 1.83 16.65 -5.44
C PHE A 160 2.55 18.00 -5.62
N THR A 161 2.84 18.68 -4.50
CA THR A 161 3.44 19.99 -4.58
C THR A 161 4.85 19.94 -5.16
N LEU A 162 5.63 18.94 -4.74
CA LEU A 162 6.97 18.82 -5.26
C LEU A 162 6.95 18.50 -6.74
N ALA A 163 6.06 17.61 -7.18
CA ALA A 163 5.99 17.27 -8.60
C ALA A 163 5.61 18.52 -9.42
N GLN A 164 4.65 19.28 -8.92
CA GLN A 164 4.18 20.48 -9.61
C GLN A 164 5.28 21.51 -9.67
N ALA A 165 5.98 21.70 -8.55
CA ALA A 165 7.08 22.69 -8.52
C ALA A 165 8.25 22.30 -9.43
N ALA A 166 8.40 21.01 -9.69
CA ALA A 166 9.47 20.50 -10.53
C ALA A 166 9.11 20.56 -12.01
N GLY A 167 7.87 20.98 -12.30
CA GLY A 167 7.43 21.12 -13.69
C GLY A 167 6.55 20.04 -14.28
N ALA A 168 6.13 19.09 -13.45
CA ALA A 168 5.28 18.05 -13.95
C ALA A 168 3.91 18.64 -14.31
N THR A 169 3.30 18.10 -15.38
CA THR A 169 1.96 18.51 -15.79
C THR A 169 1.00 17.50 -15.16
N LEU A 170 0.12 18.00 -14.29
CA LEU A 170 -0.81 17.13 -13.55
C LEU A 170 -2.23 17.39 -14.01
N ARG A 171 -2.90 16.37 -14.52
CA ARG A 171 -4.26 16.55 -15.04
C ARG A 171 -5.18 15.53 -14.43
N ALA A 172 -6.29 16.03 -13.87
CA ALA A 172 -7.26 15.15 -13.25
C ALA A 172 -8.51 15.05 -14.11
N GLY A 173 -9.41 14.16 -13.71
CA GLY A 173 -10.66 13.92 -14.43
C GLY A 173 -10.45 13.41 -15.86
N GLU A 174 -9.34 12.73 -16.09
CA GLU A 174 -8.98 12.24 -17.44
C GLU A 174 -8.54 10.79 -17.35
N THR A 175 -9.32 9.94 -17.99
CA THR A 175 -9.10 8.51 -17.98
C THR A 175 -8.31 7.99 -19.17
N VAL A 176 -7.21 7.29 -18.92
CA VAL A 176 -6.44 6.70 -20.01
C VAL A 176 -7.23 5.47 -20.45
N THR A 177 -7.50 5.40 -21.75
CA THR A 177 -8.29 4.31 -22.26
C THR A 177 -7.57 3.35 -23.17
N GLU A 178 -6.40 3.75 -23.64
CA GLU A 178 -5.64 2.91 -24.54
C GLU A 178 -4.17 3.28 -24.57
N LEU A 179 -3.30 2.28 -24.61
CA LEU A 179 -1.85 2.40 -24.74
C LEU A 179 -1.34 1.54 -25.91
N VAL A 180 -0.54 2.12 -26.83
CA VAL A 180 0.01 1.34 -27.95
C VAL A 180 1.51 1.65 -28.08
N PRO A 181 2.35 0.76 -27.54
CA PRO A 181 3.79 0.96 -27.62
C PRO A 181 4.30 0.59 -29.02
N ASP A 182 5.39 1.23 -29.42
CA ASP A 182 6.00 0.92 -30.71
C ASP A 182 7.47 1.16 -30.53
N ALA A 183 8.26 0.97 -31.60
CA ALA A 183 9.71 1.12 -31.40
C ALA A 183 10.19 2.50 -31.01
N ASP A 184 9.36 3.51 -31.29
CA ASP A 184 9.77 4.89 -31.03
C ASP A 184 9.10 5.60 -29.86
N GLY A 185 8.24 4.88 -29.14
CA GLY A 185 7.55 5.52 -28.02
C GLY A 185 6.18 4.89 -27.80
N VAL A 186 5.27 5.60 -27.12
CA VAL A 186 3.92 5.05 -26.87
C VAL A 186 2.84 6.04 -27.22
N SER A 187 1.77 5.58 -27.84
CA SER A 187 0.65 6.43 -28.17
C SER A 187 -0.38 6.20 -27.05
N VAL A 188 -0.82 7.28 -26.45
CA VAL A 188 -1.76 7.26 -25.34
C VAL A 188 -3.05 7.91 -25.72
N THR A 189 -4.15 7.23 -25.47
CA THR A 189 -5.45 7.81 -25.75
C THR A 189 -6.18 7.93 -24.42
N THR A 190 -6.89 9.03 -24.22
CA THR A 190 -7.68 9.22 -23.00
C THR A 190 -9.06 9.62 -23.45
N ASP A 191 -10.00 9.76 -22.51
CA ASP A 191 -11.33 10.20 -22.93
C ASP A 191 -11.37 11.70 -23.26
N ARG A 192 -10.22 12.38 -23.21
CA ARG A 192 -10.19 13.80 -23.53
C ARG A 192 -9.25 14.14 -24.70
N GLY A 193 -8.31 13.26 -25.01
CA GLY A 193 -7.38 13.56 -26.09
C GLY A 193 -6.34 12.49 -26.31
N THR A 194 -5.24 12.84 -26.96
CA THR A 194 -4.18 11.86 -27.21
C THR A 194 -2.85 12.48 -26.91
N TYR A 195 -1.88 11.62 -26.62
CA TYR A 195 -0.54 12.00 -26.24
C TYR A 195 0.49 11.04 -26.80
N ARG A 196 1.70 11.55 -26.93
CA ARG A 196 2.82 10.76 -27.38
C ARG A 196 3.83 10.79 -26.26
N ALA A 197 4.27 9.60 -25.82
CA ALA A 197 5.24 9.48 -24.74
C ALA A 197 6.47 8.65 -25.13
N GLY A 198 7.60 8.97 -24.55
CA GLY A 198 8.80 8.19 -24.77
C GLY A 198 8.55 6.86 -24.11
N LYS A 199 8.03 6.92 -22.88
CA LYS A 199 7.69 5.69 -22.15
C LYS A 199 6.51 6.05 -21.27
N VAL A 200 5.78 5.02 -20.86
CA VAL A 200 4.63 5.22 -20.00
C VAL A 200 4.85 4.43 -18.72
N VAL A 201 4.46 5.05 -17.61
CA VAL A 201 4.53 4.39 -16.32
C VAL A 201 3.07 4.10 -15.92
N LEU A 202 2.79 2.84 -15.69
CA LEU A 202 1.45 2.41 -15.29
C LEU A 202 1.47 2.35 -13.74
N ALA A 203 0.77 3.30 -13.12
CA ALA A 203 0.67 3.35 -11.64
C ALA A 203 -0.80 3.60 -11.38
N CYS A 204 -1.64 2.77 -11.99
CA CYS A 204 -3.09 2.94 -11.92
C CYS A 204 -3.86 2.01 -10.96
N GLY A 205 -3.16 1.62 -9.92
CA GLY A 205 -3.78 0.83 -8.86
C GLY A 205 -4.27 -0.51 -9.37
N PRO A 206 -5.57 -0.84 -9.24
CA PRO A 206 -6.05 -2.13 -9.71
C PRO A 206 -6.45 -2.23 -11.15
N TYR A 207 -6.19 -1.17 -11.90
CA TYR A 207 -6.64 -1.15 -13.29
C TYR A 207 -5.62 -1.53 -14.35
N THR A 208 -4.44 -1.95 -13.93
CA THR A 208 -3.37 -2.29 -14.88
C THR A 208 -3.79 -3.22 -16.00
N ASN A 209 -4.47 -4.30 -15.65
CA ASN A 209 -4.90 -5.22 -16.70
C ASN A 209 -5.87 -4.65 -17.73
N ASP A 210 -6.62 -3.60 -17.43
CA ASP A 210 -7.52 -3.01 -18.42
C ASP A 210 -6.70 -2.45 -19.61
N LEU A 211 -5.48 -1.96 -19.34
CA LEU A 211 -4.65 -1.39 -20.41
C LEU A 211 -3.68 -2.41 -20.98
N LEU A 212 -3.42 -3.50 -20.26
CA LEU A 212 -2.50 -4.51 -20.79
C LEU A 212 -3.22 -5.54 -21.65
N GLU A 213 -4.48 -5.80 -21.33
CA GLU A 213 -5.27 -6.80 -22.04
C GLU A 213 -5.25 -6.66 -23.57
N PRO A 214 -5.53 -5.45 -24.09
CA PRO A 214 -5.54 -5.27 -25.55
C PRO A 214 -4.20 -5.48 -26.22
N LEU A 215 -3.14 -5.52 -25.42
CA LEU A 215 -1.80 -5.72 -25.93
C LEU A 215 -1.33 -7.17 -25.71
N GLY A 216 -2.25 -8.02 -25.27
CA GLY A 216 -1.94 -9.43 -25.06
C GLY A 216 -1.24 -9.78 -23.77
N ALA A 217 -1.36 -8.92 -22.77
CA ALA A 217 -0.74 -9.20 -21.48
C ALA A 217 -1.82 -9.15 -20.39
N ARG A 218 -1.57 -9.87 -19.31
CA ARG A 218 -2.48 -9.91 -18.15
C ARG A 218 -1.59 -10.32 -17.03
N LEU A 219 -1.61 -9.54 -15.95
CA LEU A 219 -0.76 -9.86 -14.83
C LEU A 219 -1.55 -10.67 -13.77
N ALA A 220 -0.82 -11.52 -13.07
CA ALA A 220 -1.40 -12.39 -12.09
C ALA A 220 -1.61 -11.71 -10.72
N TYR A 221 -2.51 -10.74 -10.65
CA TYR A 221 -2.79 -10.10 -9.33
C TYR A 221 -4.27 -10.21 -9.05
N SER A 222 -4.61 -10.05 -7.76
CA SER A 222 -5.99 -10.11 -7.33
C SER A 222 -6.31 -8.77 -6.63
N VAL A 223 -7.56 -8.33 -6.79
CA VAL A 223 -8.08 -7.07 -6.23
C VAL A 223 -9.10 -7.41 -5.13
N TYR A 224 -8.97 -6.78 -3.95
CA TYR A 224 -9.89 -7.04 -2.82
C TYR A 224 -10.44 -5.76 -2.25
N GLU A 225 -11.75 -5.71 -1.99
CA GLU A 225 -12.34 -4.53 -1.39
C GLU A 225 -12.38 -4.83 0.11
N MET A 226 -11.65 -4.02 0.86
CA MET A 226 -11.50 -4.24 2.30
C MET A 226 -12.21 -3.16 3.08
N ALA A 227 -12.85 -3.58 4.18
CA ALA A 227 -13.56 -2.63 5.04
C ALA A 227 -12.72 -2.05 6.18
N ILE A 228 -12.94 -0.75 6.45
CA ILE A 228 -12.23 -0.04 7.50
C ILE A 228 -13.23 0.86 8.23
N ALA A 229 -13.13 0.90 9.56
CA ALA A 229 -14.00 1.76 10.35
C ALA A 229 -13.18 2.74 11.18
N ALA A 230 -13.70 3.96 11.34
CA ALA A 230 -13.05 5.01 12.13
C ALA A 230 -13.90 5.10 13.43
N TYR A 231 -13.19 5.22 14.54
CA TYR A 231 -13.76 5.27 15.88
C TYR A 231 -13.18 6.47 16.61
N ARG A 232 -14.00 7.04 17.49
CA ARG A 232 -13.59 8.16 18.31
C ARG A 232 -12.85 7.61 19.51
N GLN A 233 -11.74 8.24 19.86
CA GLN A 233 -10.91 7.86 20.99
C GLN A 233 -11.79 8.25 22.21
N ALA A 234 -11.97 7.33 23.16
CA ALA A 234 -12.83 7.60 24.32
C ALA A 234 -12.06 8.00 25.57
N THR A 235 -10.90 7.40 25.74
CA THR A 235 -10.03 7.64 26.87
C THR A 235 -8.70 8.08 26.30
N PRO A 236 -8.03 9.05 26.93
CA PRO A 236 -6.75 9.55 26.45
C PRO A 236 -5.72 8.43 26.35
N VAL A 237 -4.90 8.48 25.31
CA VAL A 237 -3.89 7.47 25.04
C VAL A 237 -2.64 7.53 25.93
N THR A 238 -2.07 6.36 26.20
CA THR A 238 -0.84 6.23 26.97
C THR A 238 0.14 5.78 25.88
N GLU A 239 -0.05 4.54 25.42
CA GLU A 239 0.72 3.97 24.31
C GLU A 239 -0.39 3.51 23.38
N ALA A 240 -0.31 3.85 22.09
CA ALA A 240 -1.38 3.43 21.17
C ALA A 240 -0.69 3.00 19.88
N PRO A 241 -0.03 1.84 19.93
CA PRO A 241 0.68 1.32 18.76
C PRO A 241 -0.28 0.70 17.76
N PHE A 242 0.26 0.46 16.57
CA PHE A 242 -0.48 -0.33 15.58
C PHE A 242 -0.61 -1.71 16.26
N TRP A 243 -1.75 -2.36 16.09
CA TRP A 243 -1.93 -3.69 16.66
C TRP A 243 -2.67 -4.64 15.74
N PHE A 244 -2.37 -5.93 15.89
CA PHE A 244 -3.01 -6.98 15.13
C PHE A 244 -3.22 -8.13 16.11
N ALA A 245 -4.47 -8.53 16.20
CA ALA A 245 -4.92 -9.61 17.09
C ALA A 245 -5.03 -10.93 16.31
N PHE A 246 -4.06 -11.82 16.58
CA PHE A 246 -4.01 -13.16 15.97
C PHE A 246 -4.86 -14.11 16.83
N GLN A 247 -5.94 -14.63 16.25
CA GLN A 247 -6.84 -15.53 16.98
C GLN A 247 -7.20 -16.75 16.17
N GLN A 248 -7.79 -17.76 16.81
CA GLN A 248 -8.18 -18.95 16.12
C GLN A 248 -9.44 -18.54 15.42
N PRO A 249 -9.69 -19.09 14.22
CA PRO A 249 -10.90 -18.72 13.49
C PRO A 249 -12.17 -19.27 14.12
N THR A 250 -13.30 -18.69 13.73
CA THR A 250 -14.59 -19.15 14.21
C THR A 250 -15.11 -19.89 12.98
N PRO A 251 -16.28 -20.51 13.09
CA PRO A 251 -16.76 -21.20 11.89
C PRO A 251 -17.23 -20.22 10.81
N GLN A 252 -17.53 -18.98 11.20
CA GLN A 252 -18.01 -18.00 10.23
C GLN A 252 -16.94 -17.06 9.67
N ASP A 253 -15.87 -16.82 10.42
CA ASP A 253 -14.85 -15.89 9.97
C ASP A 253 -13.46 -16.15 10.59
N THR A 254 -12.42 -15.47 10.09
CA THR A 254 -11.07 -15.67 10.60
C THR A 254 -10.81 -15.15 12.02
N ASN A 255 -11.72 -14.30 12.51
CA ASN A 255 -11.57 -13.78 13.88
C ASN A 255 -10.30 -12.94 14.07
N LEU A 256 -9.86 -12.27 12.99
CA LEU A 256 -8.68 -11.42 13.03
C LEU A 256 -9.11 -9.97 12.91
N PHE A 257 -8.47 -9.12 13.71
CA PHE A 257 -8.76 -7.68 13.75
C PHE A 257 -7.48 -6.93 13.96
N PHE A 258 -7.45 -5.68 13.48
CA PHE A 258 -6.29 -4.86 13.64
C PHE A 258 -6.67 -3.37 13.83
N GLY A 259 -5.72 -2.63 14.33
CA GLY A 259 -5.90 -1.19 14.46
C GLY A 259 -4.63 -0.50 14.02
N PHE A 260 -4.77 0.62 13.30
CA PHE A 260 -3.60 1.36 12.86
C PHE A 260 -2.81 2.10 13.93
N GLY A 261 -3.45 2.30 15.10
CA GLY A 261 -2.78 3.04 16.14
C GLY A 261 -3.06 4.54 16.07
N HIS A 262 -2.57 5.28 17.04
CA HIS A 262 -2.84 6.72 17.00
C HIS A 262 -1.99 7.45 15.93
N ASN A 263 -2.52 8.59 15.51
CA ASN A 263 -1.92 9.46 14.46
C ASN A 263 -1.35 10.69 15.16
N PRO A 264 -0.04 10.67 15.43
CA PRO A 264 0.61 11.78 16.14
C PRO A 264 0.44 13.18 15.59
N TRP A 265 0.30 13.31 14.28
CA TRP A 265 0.13 14.64 13.67
C TRP A 265 -1.27 15.18 13.79
N ALA A 266 -2.20 14.35 14.25
CA ALA A 266 -3.60 14.70 14.34
C ALA A 266 -3.97 15.12 15.76
N PRO A 267 -5.19 15.63 15.95
CA PRO A 267 -5.63 16.06 17.29
C PRO A 267 -5.89 14.90 18.25
N GLY A 268 -5.78 13.66 17.77
CA GLY A 268 -6.03 12.50 18.64
C GLY A 268 -7.48 12.12 18.88
N GLU A 269 -8.36 12.54 17.99
CA GLU A 269 -9.77 12.32 18.07
C GLU A 269 -10.24 10.99 17.47
N PHE A 270 -9.62 10.59 16.36
CA PHE A 270 -10.06 9.37 15.69
C PHE A 270 -8.93 8.40 15.40
N VAL A 271 -9.30 7.11 15.39
CA VAL A 271 -8.36 6.04 15.01
C VAL A 271 -9.14 5.12 14.09
N ARG A 272 -8.40 4.32 13.29
CA ARG A 272 -9.08 3.41 12.39
C ARG A 272 -8.66 1.99 12.66
N CYS A 273 -9.62 1.10 12.49
CA CYS A 273 -9.41 -0.31 12.67
C CYS A 273 -10.14 -1.08 11.59
N GLY A 274 -9.83 -2.36 11.53
CA GLY A 274 -10.51 -3.19 10.57
C GLY A 274 -10.45 -4.67 10.84
N PRO A 275 -11.31 -5.42 10.15
CA PRO A 275 -11.30 -6.88 10.30
C PRO A 275 -10.27 -7.36 9.25
N ASP A 276 -9.70 -8.53 9.43
CA ASP A 276 -8.83 -9.11 8.38
C ASP A 276 -9.46 -10.49 8.11
N PHE A 277 -10.68 -10.43 7.55
CA PHE A 277 -11.43 -11.63 7.25
C PHE A 277 -11.15 -12.12 5.81
N GLU A 278 -11.51 -13.35 5.50
CA GLU A 278 -11.29 -13.83 4.13
C GLU A 278 -12.27 -13.09 3.23
N VAL A 279 -11.78 -12.52 2.13
CA VAL A 279 -12.60 -11.76 1.22
C VAL A 279 -12.32 -12.31 -0.20
N ASP A 280 -13.36 -12.63 -0.97
CA ASP A 280 -13.11 -13.14 -2.31
C ASP A 280 -12.69 -11.99 -3.22
N PRO A 281 -11.80 -12.29 -4.16
CA PRO A 281 -11.36 -11.22 -5.08
C PRO A 281 -12.45 -10.67 -5.99
N LEU A 282 -12.32 -9.41 -6.38
CA LEU A 282 -13.27 -8.78 -7.29
C LEU A 282 -12.92 -9.26 -8.70
N ASP A 283 -13.94 -9.39 -9.55
CA ASP A 283 -13.72 -9.82 -10.92
C ASP A 283 -13.04 -8.71 -11.69
N HIS A 284 -13.37 -7.48 -11.31
CA HIS A 284 -12.84 -6.26 -11.89
C HIS A 284 -13.08 -5.15 -10.84
N PRO A 285 -12.19 -4.14 -10.80
CA PRO A 285 -12.36 -3.06 -9.82
C PRO A 285 -13.72 -2.37 -9.81
N SER A 286 -14.39 -2.32 -10.96
CA SER A 286 -15.70 -1.68 -11.03
C SER A 286 -16.75 -2.39 -10.16
N ALA A 287 -16.45 -3.61 -9.75
CA ALA A 287 -17.34 -4.41 -8.90
C ALA A 287 -17.36 -3.88 -7.46
N ALA A 288 -16.36 -3.10 -7.08
CA ALA A 288 -16.31 -2.54 -5.73
C ALA A 288 -17.55 -1.69 -5.48
N THR A 289 -18.12 -1.78 -4.28
CA THR A 289 -19.33 -1.00 -4.00
C THR A 289 -19.07 0.23 -3.15
N GLY A 290 -17.97 0.22 -2.40
CA GLY A 290 -17.68 1.36 -1.53
C GLY A 290 -18.42 1.28 -0.19
N VAL A 291 -19.25 0.26 -0.02
CA VAL A 291 -20.01 0.08 1.22
C VAL A 291 -19.40 -1.04 2.04
N ALA A 292 -18.88 -0.70 3.22
CA ALA A 292 -18.25 -1.70 4.09
C ALA A 292 -19.26 -2.78 4.51
N ASP A 293 -18.83 -4.03 4.43
CA ASP A 293 -19.68 -5.17 4.76
C ASP A 293 -20.23 -5.06 6.17
N ARG A 294 -21.56 -5.00 6.26
CA ARG A 294 -22.24 -4.85 7.54
C ARG A 294 -21.83 -5.85 8.61
N ARG A 295 -21.82 -7.13 8.29
CA ARG A 295 -21.44 -8.11 9.28
C ARG A 295 -20.01 -7.93 9.81
N GLN A 296 -19.08 -7.60 8.92
CA GLN A 296 -17.71 -7.45 9.37
C GLN A 296 -17.58 -6.25 10.28
N MET A 297 -18.33 -5.20 9.98
CA MET A 297 -18.27 -3.99 10.78
C MET A 297 -18.85 -4.29 12.16
N ASP A 298 -19.92 -5.05 12.18
CA ASP A 298 -20.53 -5.43 13.47
C ASP A 298 -19.57 -6.32 14.29
N ARG A 299 -18.88 -7.25 13.64
CA ARG A 299 -17.90 -8.09 14.33
C ARG A 299 -16.76 -7.25 14.89
N LEU A 300 -16.21 -6.36 14.07
CA LEU A 300 -15.13 -5.52 14.57
C LEU A 300 -15.57 -4.61 15.75
N SER A 301 -16.73 -3.98 15.60
CA SER A 301 -17.23 -3.05 16.60
C SER A 301 -17.55 -3.79 17.87
N GLY A 302 -18.05 -5.02 17.74
CA GLY A 302 -18.35 -5.82 18.93
C GLY A 302 -17.06 -6.22 19.62
N TRP A 303 -16.04 -6.60 18.86
CA TRP A 303 -14.78 -7.00 19.48
C TRP A 303 -14.15 -5.80 20.20
N LEU A 304 -14.21 -4.61 19.59
CA LEU A 304 -13.64 -3.45 20.24
C LEU A 304 -14.46 -3.09 21.52
N ARG A 305 -15.76 -3.25 21.42
CA ARG A 305 -16.64 -2.98 22.61
C ARG A 305 -16.15 -3.85 23.78
N ASP A 306 -15.90 -5.12 23.50
CA ASP A 306 -15.45 -6.08 24.51
C ASP A 306 -14.01 -5.99 24.93
N HIS A 307 -13.11 -5.69 23.97
CA HIS A 307 -11.70 -5.70 24.27
C HIS A 307 -10.85 -4.44 24.23
N LEU A 308 -11.40 -3.33 23.74
CA LEU A 308 -10.60 -2.11 23.71
C LEU A 308 -11.49 -0.90 24.03
N PRO A 309 -11.86 -0.77 25.31
CA PRO A 309 -12.72 0.34 25.71
C PRO A 309 -12.14 1.73 25.62
N THR A 310 -10.88 1.85 25.17
CA THR A 310 -10.26 3.15 24.98
C THR A 310 -10.96 3.88 23.83
N VAL A 311 -11.68 3.14 22.99
CA VAL A 311 -12.44 3.75 21.91
C VAL A 311 -13.93 3.52 22.06
N ASP A 312 -14.70 4.44 21.53
CA ASP A 312 -16.13 4.35 21.50
C ASP A 312 -16.34 3.36 20.36
N PRO A 313 -16.90 2.19 20.66
CA PRO A 313 -17.11 1.17 19.64
C PRO A 313 -18.18 1.36 18.59
N ASP A 314 -18.89 2.48 18.62
CA ASP A 314 -19.90 2.76 17.62
C ASP A 314 -19.15 3.59 16.55
N PRO A 315 -18.88 3.00 15.37
CA PRO A 315 -18.14 3.76 14.37
C PRO A 315 -18.68 5.10 13.91
N VAL A 316 -17.76 6.06 13.77
CA VAL A 316 -18.13 7.38 13.27
C VAL A 316 -18.27 7.35 11.75
N ARG A 317 -17.53 6.45 11.09
CA ARG A 317 -17.60 6.33 9.64
C ARG A 317 -17.07 4.98 9.23
N THR A 318 -17.71 4.34 8.25
CA THR A 318 -17.15 3.09 7.76
C THR A 318 -16.90 3.36 6.26
N SER A 319 -15.98 2.59 5.70
CA SER A 319 -15.65 2.81 4.29
C SER A 319 -14.86 1.62 3.73
N THR A 320 -14.44 1.68 2.46
CA THR A 320 -13.63 0.58 1.96
C THR A 320 -12.38 1.14 1.25
N CYS A 321 -11.47 0.23 0.98
CA CYS A 321 -10.21 0.54 0.31
C CYS A 321 -9.88 -0.69 -0.54
N LEU A 322 -9.18 -0.47 -1.65
CA LEU A 322 -8.86 -1.58 -2.52
C LEU A 322 -7.45 -2.04 -2.38
N ALA A 323 -7.27 -3.34 -2.16
CA ALA A 323 -5.95 -3.93 -2.04
C ALA A 323 -5.66 -4.61 -3.41
N VAL A 324 -4.45 -4.47 -3.89
CA VAL A 324 -4.05 -5.10 -5.17
C VAL A 324 -2.77 -5.86 -4.84
N LEU A 325 -2.83 -7.20 -4.89
CA LEU A 325 -1.74 -8.07 -4.48
C LEU A 325 -1.46 -9.22 -5.46
N PRO A 326 -0.19 -9.66 -5.54
CA PRO A 326 0.13 -10.79 -6.44
C PRO A 326 -0.75 -11.95 -5.99
N THR A 327 -1.31 -12.67 -6.94
CA THR A 327 -2.18 -13.79 -6.59
C THR A 327 -1.36 -14.86 -5.86
N ASP A 328 -0.10 -15.02 -6.26
CA ASP A 328 0.80 -15.98 -5.61
C ASP A 328 1.29 -15.32 -4.33
N PRO A 329 0.93 -15.87 -3.17
CA PRO A 329 1.35 -15.30 -1.88
C PRO A 329 2.86 -15.29 -1.66
N GLU A 330 3.59 -16.00 -2.53
CA GLU A 330 5.04 -16.04 -2.41
C GLU A 330 5.65 -14.77 -2.99
N ARG A 331 4.88 -14.09 -3.83
CA ARG A 331 5.36 -12.85 -4.43
C ARG A 331 4.76 -11.67 -3.69
N GLN A 332 5.59 -10.63 -3.50
CA GLN A 332 5.15 -9.43 -2.78
C GLN A 332 4.77 -8.26 -3.68
N PHE A 333 5.52 -8.05 -4.77
CA PHE A 333 5.24 -6.91 -5.64
C PHE A 333 5.47 -7.19 -7.12
N PHE A 334 4.77 -6.41 -7.95
CA PHE A 334 5.00 -6.42 -9.41
C PHE A 334 5.51 -5.01 -9.72
N LEU A 335 6.83 -4.91 -9.97
CA LEU A 335 7.46 -3.64 -10.32
C LEU A 335 8.57 -3.97 -11.35
N GLY A 336 8.40 -3.50 -12.57
CA GLY A 336 9.40 -3.76 -13.62
C GLY A 336 8.79 -3.27 -14.91
N THR A 337 9.37 -3.63 -16.05
CA THR A 337 8.74 -3.17 -17.28
C THR A 337 7.97 -4.36 -17.88
N ALA A 338 7.30 -4.14 -19.01
CA ALA A 338 6.57 -5.21 -19.68
C ALA A 338 7.44 -5.83 -20.80
N ARG A 339 8.76 -5.69 -20.71
CA ARG A 339 9.66 -6.22 -21.77
C ARG A 339 9.42 -7.69 -22.10
N ASP A 340 9.15 -8.52 -21.09
CA ASP A 340 8.95 -9.94 -21.36
C ASP A 340 7.52 -10.34 -21.65
N LEU A 341 6.63 -9.36 -21.72
CA LEU A 341 5.24 -9.65 -21.93
C LEU A 341 4.68 -9.28 -23.26
N MET A 342 5.39 -8.42 -24.01
CA MET A 342 4.90 -7.98 -25.32
C MET A 342 6.02 -7.29 -26.05
N THR A 343 5.83 -7.15 -27.36
CA THR A 343 6.80 -6.48 -28.20
C THR A 343 6.81 -4.99 -27.83
N HIS A 344 8.00 -4.46 -27.58
CA HIS A 344 8.24 -3.07 -27.21
C HIS A 344 7.73 -2.88 -25.81
N GLY A 345 7.69 -3.99 -25.06
CA GLY A 345 7.19 -3.91 -23.70
C GLY A 345 8.05 -3.11 -22.76
N GLU A 346 9.31 -2.89 -23.11
CA GLU A 346 10.20 -2.15 -22.26
C GLU A 346 9.75 -0.68 -22.21
N LYS A 347 8.85 -0.28 -23.11
CA LYS A 347 8.40 1.12 -23.10
C LYS A 347 7.29 1.35 -22.08
N LEU A 348 6.81 0.26 -21.47
CA LEU A 348 5.78 0.36 -20.41
C LEU A 348 6.42 -0.06 -19.11
N VAL A 349 6.50 0.89 -18.18
CA VAL A 349 7.03 0.67 -16.84
C VAL A 349 5.74 0.36 -16.04
N VAL A 350 5.79 -0.73 -15.31
CA VAL A 350 4.60 -1.18 -14.60
C VAL A 350 4.75 -1.34 -13.08
N TYR A 351 3.90 -0.63 -12.35
CA TYR A 351 3.86 -0.91 -10.90
C TYR A 351 2.45 -1.57 -10.81
N GLY A 352 2.45 -2.89 -10.63
CA GLY A 352 1.21 -3.62 -10.75
C GLY A 352 0.52 -4.24 -9.53
N ALA A 353 1.24 -4.38 -8.45
CA ALA A 353 0.64 -4.96 -7.21
C ALA A 353 1.60 -4.86 -6.04
N GLY A 354 1.02 -4.84 -4.82
CA GLY A 354 1.86 -4.79 -3.64
C GLY A 354 1.14 -4.07 -2.50
N TRP A 355 1.61 -4.33 -1.29
CA TRP A 355 1.11 -3.66 -0.09
C TRP A 355 2.26 -2.69 0.07
N ALA A 356 2.09 -1.51 -0.50
CA ALA A 356 3.22 -0.64 -0.69
C ALA A 356 3.27 0.81 -0.30
N PHE A 357 2.38 1.30 0.53
CA PHE A 357 2.49 2.70 0.83
C PHE A 357 3.83 2.99 1.48
N LYS A 358 4.36 2.05 2.27
CA LYS A 358 5.65 2.20 2.93
C LYS A 358 6.83 2.31 1.96
N PHE A 359 6.65 1.85 0.75
CA PHE A 359 7.72 1.90 -0.23
C PHE A 359 7.49 2.95 -1.31
N VAL A 360 6.52 3.82 -1.11
CA VAL A 360 6.22 4.82 -2.12
C VAL A 360 7.43 5.63 -2.64
N PRO A 361 8.31 6.17 -1.76
CA PRO A 361 9.45 6.96 -2.27
C PRO A 361 10.42 6.12 -3.12
N LEU A 362 10.61 4.87 -2.71
CA LEU A 362 11.49 3.94 -3.42
C LEU A 362 10.86 3.54 -4.75
N PHE A 363 9.58 3.16 -4.74
CA PHE A 363 8.93 2.76 -5.97
C PHE A 363 8.85 3.88 -7.02
N GLY A 364 8.62 5.11 -6.56
CA GLY A 364 8.60 6.26 -7.44
C GLY A 364 9.98 6.44 -8.05
N ARG A 365 11.04 6.27 -7.26
CA ARG A 365 12.41 6.41 -7.79
C ARG A 365 12.72 5.31 -8.80
N ILE A 366 12.31 4.09 -8.48
CA ILE A 366 12.55 2.97 -9.42
C ILE A 366 11.77 3.16 -10.70
N CYS A 367 10.49 3.51 -10.61
CA CYS A 367 9.72 3.76 -11.81
C CYS A 367 10.35 4.89 -12.65
N ALA A 368 10.89 5.93 -12.01
CA ALA A 368 11.51 7.04 -12.75
C ALA A 368 12.77 6.52 -13.43
N ASP A 369 13.56 5.72 -12.71
CA ASP A 369 14.79 5.12 -13.27
C ASP A 369 14.45 4.36 -14.54
N LEU A 370 13.50 3.44 -14.46
CA LEU A 370 13.12 2.64 -15.62
C LEU A 370 12.47 3.42 -16.75
N ALA A 371 11.84 4.54 -16.43
CA ALA A 371 11.15 5.34 -17.44
C ALA A 371 12.09 6.10 -18.34
N VAL A 372 13.26 6.42 -17.82
CA VAL A 372 14.21 7.21 -18.59
C VAL A 372 15.57 6.56 -18.85
N GLU A 373 15.83 5.42 -18.22
CA GLU A 373 17.10 4.71 -18.41
C GLU A 373 16.96 3.22 -18.67
N ASP A 374 15.78 2.66 -18.43
CA ASP A 374 15.57 1.23 -18.60
C ASP A 374 16.39 0.38 -17.61
N SER A 375 16.91 1.00 -16.56
CA SER A 375 17.63 0.25 -15.54
C SER A 375 17.68 1.03 -14.24
N THR A 376 17.70 0.29 -13.13
CA THR A 376 17.76 0.92 -11.82
C THR A 376 18.88 0.24 -11.06
N ALA A 377 19.48 0.95 -10.11
CA ALA A 377 20.57 0.40 -9.32
C ALA A 377 20.03 -0.56 -8.26
N TYR A 378 18.74 -0.45 -7.98
CA TYR A 378 18.08 -1.30 -6.99
C TYR A 378 17.79 -2.71 -7.51
N ASP A 379 17.90 -3.71 -6.65
CA ASP A 379 17.60 -5.08 -7.07
C ASP A 379 16.09 -5.27 -7.09
N ILE A 380 15.53 -5.53 -8.27
CA ILE A 380 14.09 -5.77 -8.40
C ILE A 380 13.81 -7.11 -9.05
N SER A 381 14.78 -8.01 -8.98
CA SER A 381 14.64 -9.33 -9.57
C SER A 381 13.45 -10.14 -9.02
N ARG A 382 13.16 -10.03 -7.73
CA ARG A 382 12.04 -10.78 -7.18
C ARG A 382 10.70 -10.07 -7.34
N LEU A 383 10.74 -8.86 -7.91
CA LEU A 383 9.52 -8.08 -8.09
C LEU A 383 9.05 -8.11 -9.54
N ALA A 384 9.63 -8.98 -10.36
CA ALA A 384 9.22 -9.01 -11.75
C ALA A 384 7.72 -9.22 -11.94
N PRO A 385 7.08 -8.43 -12.82
CA PRO A 385 5.64 -8.58 -13.08
C PRO A 385 5.35 -9.99 -13.59
N GLN A 386 4.46 -10.72 -12.93
CA GLN A 386 4.15 -12.10 -13.34
C GLN A 386 2.96 -12.23 -14.26
N SER A 387 3.16 -12.93 -15.37
CA SER A 387 2.07 -13.11 -16.30
C SER A 387 1.06 -14.13 -15.79
N ALA A 388 -0.21 -13.89 -16.06
CA ALA A 388 -1.28 -14.79 -15.69
C ALA A 388 -1.52 -15.75 -16.88
N LEU A 389 -0.70 -15.62 -17.93
CA LEU A 389 -0.83 -16.45 -19.15
C LEU A 389 0.36 -17.41 -19.36
N LEU A 390 0.14 -18.45 -20.16
CA LEU A 390 1.21 -19.39 -20.46
C LEU A 390 2.23 -18.69 -21.36
N GLU A 391 3.52 -19.01 -21.19
CA GLU A 391 4.53 -18.37 -22.01
C GLU A 391 4.66 -19.05 -23.36
N HIS A 392 4.25 -18.35 -24.42
CA HIS A 392 4.33 -18.93 -25.76
C HIS A 392 5.02 -17.98 -26.73
N HIS A 393 5.49 -16.85 -26.21
CA HIS A 393 6.15 -15.87 -27.06
C HIS A 393 7.65 -16.09 -27.13
N HIS A 394 8.24 -15.57 -28.19
CA HIS A 394 9.66 -15.71 -28.46
C HIS A 394 10.51 -14.76 -27.63
N HIS A 395 11.57 -15.29 -27.03
CA HIS A 395 12.47 -14.47 -26.21
C HIS A 395 13.93 -14.65 -26.64
PA FAD B . -3.78 4.09 -5.93
O1A FAD B . -3.72 5.06 -4.79
O2A FAD B . -4.89 3.12 -6.11
O5B FAD B . -3.75 5.12 -7.15
C5B FAD B . -3.90 4.72 -8.50
C4B FAD B . -4.57 5.94 -9.22
O4B FAD B . -4.80 5.54 -10.60
C3B FAD B . -5.94 6.30 -8.64
O3B FAD B . -6.01 7.60 -8.12
C2B FAD B . -6.88 6.04 -9.78
O2B FAD B . -8.00 6.87 -9.87
C1B FAD B . -5.97 6.16 -11.01
N9A FAD B . -6.36 5.48 -12.22
C8A FAD B . -6.82 4.18 -12.36
N7A FAD B . -7.08 3.85 -13.63
C5A FAD B . -6.77 4.98 -14.36
C6A FAD B . -6.81 5.27 -15.77
N6A FAD B . -7.24 4.37 -16.66
N1A FAD B . -6.45 6.49 -16.17
C2A FAD B . -6.02 7.44 -15.25
N3A FAD B . -5.95 7.24 -13.88
C4A FAD B . -6.33 5.99 -13.50
N1 FAD B . 0.45 -0.34 2.55
C2 FAD B . 1.40 -0.22 3.46
O2 FAD B . 2.59 -0.03 3.18
N3 FAD B . 1.09 -0.25 4.85
C4 FAD B . -0.19 -0.47 5.28
O4 FAD B . -0.43 -0.47 6.53
C4X FAD B . -1.19 -0.66 4.30
N5 FAD B . -2.51 -0.85 4.75
C5X FAD B . -3.51 -0.89 3.80
C6 FAD B . -4.86 -1.03 4.19
C7 FAD B . -5.91 -0.98 3.28
C7M FAD B . -7.33 -1.12 3.82
C8 FAD B . -5.65 -0.79 1.89
C8M FAD B . -6.76 -0.64 0.85
C9 FAD B . -4.30 -0.70 1.49
C9A FAD B . -3.22 -0.76 2.38
N10 FAD B . -1.87 -0.63 1.98
C10 FAD B . -0.82 -0.55 2.93
C1' FAD B . -1.48 -0.53 0.52
C2' FAD B . -1.29 0.85 0.03
O2' FAD B . -2.36 1.66 0.49
C3' FAD B . -1.26 0.77 -1.48
O3' FAD B . -0.13 -0.06 -1.77
C4' FAD B . -1.08 2.15 -2.12
O4' FAD B . -2.26 2.92 -1.85
C5' FAD B . -1.00 2.03 -3.59
O5' FAD B . -0.80 3.32 -4.13
P FAD B . -0.87 3.48 -5.73
O1P FAD B . -0.49 4.86 -6.04
O2P FAD B . -0.13 2.32 -6.36
O3P FAD B . -2.37 3.34 -6.16
C1 6PC C . -0.90 -4.56 8.08
C3 6PC C . -2.71 -2.99 7.94
C4 6PC C . -3.67 -4.01 8.19
C2 6PC C . 0.62 -4.79 7.98
C5 6PC C . -3.23 -5.34 8.40
C6 6PC C . -1.84 -5.62 8.33
O1 6PC C . 1.31 -4.17 7.15
O2 6PC C . 1.19 -5.63 8.74
N2 6PC C . -1.31 -3.23 7.88
C1 MPD D . -0.40 -9.92 3.96
C2 MPD D . -0.71 -8.45 3.81
O2 MPD D . 0.08 -7.75 4.77
CM MPD D . -0.31 -7.94 2.42
C3 MPD D . -2.23 -8.13 4.03
C4 MPD D . -2.75 -8.66 5.41
O4 MPD D . -2.00 -8.14 6.49
C5 MPD D . -4.22 -8.28 5.64
C1 MPD E . -5.77 -8.86 2.48
C2 MPD E . -6.78 -9.84 1.88
O2 MPD E . -7.24 -10.73 2.92
CM MPD E . -7.97 -9.08 1.36
C3 MPD E . -6.15 -10.66 0.73
C4 MPD E . -4.88 -11.46 1.11
O4 MPD E . -5.15 -12.44 2.13
C5 MPD E . -4.34 -12.23 -0.11
C1 MPD F . 10.11 3.14 10.41
C2 MPD F . 11.45 2.39 10.59
O2 MPD F . 11.36 1.55 11.73
CM MPD F . 11.71 1.53 9.35
C3 MPD F . 12.66 3.35 10.75
C4 MPD F . 12.56 4.32 11.98
O4 MPD F . 12.45 3.59 13.22
C5 MPD F . 13.82 5.23 12.06
#